data_9KW5
#
_entry.id   9KW5
#
_cell.length_a   52.613
_cell.length_b   53.556
_cell.length_c   141.247
_cell.angle_alpha   90.000
_cell.angle_beta   90.000
_cell.angle_gamma   90.000
#
_symmetry.space_group_name_H-M   'P 21 21 21'
#
loop_
_entity.id
_entity.type
_entity.pdbx_description
1 polymer 'Vitamin D3 dihydroxylase'
2 non-polymer 'PROTOPORPHYRIN IX CONTAINING FE'
3 non-polymer '2-[2,6-DICHLOROPHENYL)AMINO]BENZENEACETIC ACID'
4 non-polymer (2~{E})-2-[(4~{R})-4-(2-chlorophenyl)-1,3-dithiolan-2-ylidene]-2-imidazol-1-yl-ethanenitrile
5 water water
#
_entity_poly.entity_id   1
_entity_poly.type   'polypeptide(L)'
_entity_poly.pdbx_seq_one_letter_code
;MTDTATTPQTTDAPAFPSNRSCPYQLPDGYAQLRDTPGPLHRVTLYDGRQAWVVTKHEAARKLLGDPRLSSNRTDDNFPA
TSPAFEAVRESPQAFIGLDPPEHGTRRRMTISEFTVKRIKGMRPEVEEVVHGFLDEMLAAGPTADLVSQFALPVPSMVIC
RLLGVPYADHEFFQDASKRLVQSTDAQSALTARNDLAGYLDGLITQFQTEPGAGLVGALVADQLANGEIDREELISTAML
LLIAGHETTASMTSLSVITLLDHPEQYAALRADRSLVPGAVEELLRYLAIADIAGGRVATADIEVEGQLIRAGEGVIVVN
SIANRDGTVYEDPDALDIHRSARHHLAFGFGVHQCLGQNLARLELEVILNALMDRVPTLRLAVPVEQLVLRPGTTIQGVN
ELPVTWHHHHHH
;
_entity_poly.pdbx_strand_id   A
#
loop_
_chem_comp.id
_chem_comp.type
_chem_comp.name
_chem_comp.formula
A1L6Q non-polymer (2~{E})-2-[(4~{R})-4-(2-chlorophenyl)-1,3-dithiolan-2-ylidene]-2-imidazol-1-yl-ethanenitrile 'C14 H10 Cl N3 S2'
DIF non-polymer '2-[2,6-DICHLOROPHENYL)AMINO]BENZENEACETIC ACID' 'C14 H11 Cl2 N O2'
HEM non-polymer 'PROTOPORPHYRIN IX CONTAINING FE' 'C34 H32 Fe N4 O4'
#
# COMPACT_ATOMS: atom_id res chain seq x y z
N THR A 7 17.84 18.16 -31.86
CA THR A 7 17.11 16.97 -32.26
C THR A 7 16.00 16.66 -31.26
N PRO A 8 14.81 16.31 -31.76
CA PRO A 8 13.66 16.11 -30.88
C PRO A 8 13.83 14.90 -29.98
N GLN A 9 13.21 14.97 -28.81
N GLN A 9 13.21 14.98 -28.80
CA GLN A 9 13.32 13.91 -27.81
CA GLN A 9 13.32 13.93 -27.79
C GLN A 9 11.97 13.29 -27.45
C GLN A 9 11.97 13.31 -27.44
N THR A 10 10.91 13.62 -28.18
CA THR A 10 9.60 13.01 -27.92
C THR A 10 9.69 11.50 -28.11
N THR A 11 9.08 10.75 -27.19
CA THR A 11 9.22 9.30 -27.17
C THR A 11 7.86 8.63 -27.18
N ASP A 12 7.84 7.41 -27.70
N ASP A 12 7.84 7.40 -27.69
CA ASP A 12 6.64 6.59 -27.72
CA ASP A 12 6.62 6.61 -27.71
C ASP A 12 6.42 5.87 -26.39
C ASP A 12 6.41 5.86 -26.40
N ALA A 13 7.48 5.60 -25.64
CA ALA A 13 7.44 4.87 -24.37
C ALA A 13 8.17 5.69 -23.31
N PRO A 14 7.51 6.66 -22.71
CA PRO A 14 8.18 7.49 -21.70
C PRO A 14 8.63 6.67 -20.51
N ALA A 15 9.58 7.25 -19.77
CA ALA A 15 10.11 6.57 -18.59
C ALA A 15 9.01 6.38 -17.55
N PHE A 16 9.04 5.23 -16.88
CA PHE A 16 8.06 4.85 -15.86
C PHE A 16 8.81 4.12 -14.75
N PRO A 17 8.50 4.39 -13.47
CA PRO A 17 7.46 5.31 -13.01
C PRO A 17 7.89 6.77 -12.93
N SER A 18 6.94 7.65 -12.63
CA SER A 18 7.20 9.07 -12.42
C SER A 18 6.91 9.44 -10.98
N ASN A 19 7.54 10.52 -10.52
CA ASN A 19 7.41 10.98 -9.15
C ASN A 19 6.33 12.06 -9.03
N ARG A 20 5.58 12.02 -7.95
CA ARG A 20 4.62 13.08 -7.67
C ARG A 20 5.35 14.34 -7.23
N SER A 21 4.80 15.48 -7.60
CA SER A 21 5.25 16.77 -7.11
C SER A 21 4.28 17.40 -6.12
N CYS A 22 2.99 17.06 -6.21
CA CYS A 22 1.89 17.33 -5.29
C CYS A 22 1.42 16.01 -4.69
N PRO A 23 1.26 15.94 -3.36
CA PRO A 23 0.96 14.65 -2.73
C PRO A 23 -0.32 13.99 -3.25
N TYR A 24 -1.30 14.78 -3.67
CA TYR A 24 -2.60 14.24 -4.07
C TYR A 24 -2.91 14.47 -5.56
N GLN A 25 -1.90 14.73 -6.38
CA GLN A 25 -2.10 14.85 -7.81
C GLN A 25 -1.20 13.88 -8.57
N LEU A 26 -1.69 13.41 -9.71
CA LEU A 26 -0.88 12.58 -10.58
C LEU A 26 0.37 13.34 -10.99
N PRO A 27 1.50 12.65 -11.13
CA PRO A 27 2.64 13.27 -11.81
C PRO A 27 2.23 13.73 -13.20
N ASP A 28 2.91 14.76 -13.70
CA ASP A 28 2.55 15.31 -15.01
C ASP A 28 2.52 14.23 -16.08
N GLY A 29 3.49 13.30 -16.04
CA GLY A 29 3.52 12.23 -17.02
C GLY A 29 2.32 11.31 -16.91
N TYR A 30 1.85 11.05 -15.68
CA TYR A 30 0.70 10.17 -15.50
C TYR A 30 -0.57 10.81 -16.05
N ALA A 31 -0.74 12.12 -15.85
CA ALA A 31 -1.88 12.81 -16.40
C ALA A 31 -1.88 12.77 -17.93
N GLN A 32 -0.69 12.79 -18.54
CA GLN A 32 -0.60 12.61 -19.99
C GLN A 32 -1.08 11.22 -20.39
N LEU A 33 -0.62 10.19 -19.68
CA LEU A 33 -1.08 8.83 -19.93
C LEU A 33 -2.59 8.72 -19.73
N ARG A 34 -3.13 9.41 -18.72
CA ARG A 34 -4.55 9.37 -18.47
C ARG A 34 -5.35 9.95 -19.63
N ASP A 35 -4.82 11.01 -20.26
CA ASP A 35 -5.55 11.69 -21.32
C ASP A 35 -5.48 10.95 -22.65
N THR A 36 -4.40 10.24 -22.91
CA THR A 36 -4.24 9.56 -24.19
C THR A 36 -5.28 8.46 -24.34
N PRO A 37 -6.04 8.45 -25.44
CA PRO A 37 -7.09 7.43 -25.61
C PRO A 37 -6.52 6.03 -25.68
N GLY A 38 -7.39 5.05 -25.43
CA GLY A 38 -6.98 3.67 -25.43
C GLY A 38 -6.62 3.20 -24.03
N PRO A 39 -6.75 1.89 -23.79
CA PRO A 39 -6.50 1.36 -22.44
C PRO A 39 -5.04 1.12 -22.13
N LEU A 40 -4.16 1.13 -23.12
CA LEU A 40 -2.77 0.73 -22.92
C LEU A 40 -1.84 1.81 -23.43
N HIS A 41 -0.60 1.77 -22.96
CA HIS A 41 0.43 2.67 -23.44
C HIS A 41 1.79 2.08 -23.12
N ARG A 42 2.75 2.28 -24.00
CA ARG A 42 4.10 1.78 -23.80
C ARG A 42 4.86 2.68 -22.83
N VAL A 43 5.78 2.07 -22.08
CA VAL A 43 6.64 2.79 -21.14
C VAL A 43 8.01 2.13 -21.16
N THR A 44 9.00 2.86 -20.66
CA THR A 44 10.38 2.38 -20.56
C THR A 44 10.76 2.27 -19.09
N LEU A 45 11.07 1.06 -18.66
CA LEU A 45 11.42 0.81 -17.26
C LEU A 45 12.86 1.25 -16.99
N TYR A 46 13.26 1.15 -15.72
CA TYR A 46 14.55 1.69 -15.29
C TYR A 46 15.74 1.03 -15.97
N ASP A 47 15.57 -0.20 -16.47
CA ASP A 47 16.67 -0.94 -17.07
C ASP A 47 16.59 -0.99 -18.59
N GLY A 48 15.74 -0.16 -19.20
CA GLY A 48 15.65 -0.05 -20.64
C GLY A 48 14.55 -0.88 -21.29
N ARG A 49 14.11 -1.95 -20.65
CA ARG A 49 13.04 -2.77 -21.23
C ARG A 49 11.75 -1.98 -21.32
N GLN A 50 10.98 -2.23 -22.38
CA GLN A 50 9.67 -1.63 -22.53
C GLN A 50 8.60 -2.52 -21.92
N ALA A 51 7.49 -1.90 -21.53
CA ALA A 51 6.36 -2.61 -20.95
C ALA A 51 5.09 -1.85 -21.24
N TRP A 52 3.96 -2.49 -20.96
CA TRP A 52 2.65 -1.87 -21.09
C TRP A 52 2.20 -1.31 -19.75
N VAL A 53 1.49 -0.18 -19.81
CA VAL A 53 0.81 0.39 -18.66
C VAL A 53 -0.67 0.52 -19.01
N VAL A 54 -1.54 0.15 -18.08
CA VAL A 54 -2.98 0.25 -18.25
C VAL A 54 -3.46 1.55 -17.63
N THR A 55 -4.17 2.37 -18.43
CA THR A 55 -4.49 3.74 -18.03
C THR A 55 -5.98 4.00 -17.92
N LYS A 56 -6.83 2.98 -18.06
CA LYS A 56 -8.28 3.18 -18.03
C LYS A 56 -8.90 2.22 -17.02
N HIS A 57 -10.01 2.66 -16.42
CA HIS A 57 -10.55 1.98 -15.25
C HIS A 57 -11.11 0.60 -15.60
N GLU A 58 -12.09 0.54 -16.50
CA GLU A 58 -12.73 -0.74 -16.79
C GLU A 58 -11.76 -1.73 -17.42
N ALA A 59 -10.82 -1.24 -18.23
CA ALA A 59 -9.80 -2.13 -18.78
C ALA A 59 -8.85 -2.62 -17.69
N ALA A 60 -8.63 -1.81 -16.65
CA ALA A 60 -7.82 -2.26 -15.52
C ALA A 60 -8.51 -3.40 -14.78
N ARG A 61 -9.81 -3.25 -14.50
CA ARG A 61 -10.58 -4.33 -13.90
C ARG A 61 -10.52 -5.60 -14.73
N LYS A 62 -10.65 -5.46 -16.06
CA LYS A 62 -10.67 -6.61 -16.95
C LYS A 62 -9.34 -7.35 -16.91
N LEU A 63 -8.23 -6.62 -16.96
CA LEU A 63 -6.91 -7.26 -16.98
C LEU A 63 -6.53 -7.79 -15.60
N LEU A 64 -6.95 -7.11 -14.53
CA LEU A 64 -6.69 -7.63 -13.18
C LEU A 64 -7.39 -8.97 -12.96
N GLY A 65 -8.52 -9.20 -13.62
CA GLY A 65 -9.22 -10.47 -13.52
C GLY A 65 -8.82 -11.50 -14.54
N ASP A 66 -7.98 -11.15 -15.51
CA ASP A 66 -7.54 -12.04 -16.57
C ASP A 66 -6.44 -12.97 -16.05
N PRO A 67 -6.69 -14.28 -15.99
CA PRO A 67 -5.64 -15.19 -15.49
C PRO A 67 -4.39 -15.22 -16.35
N ARG A 68 -4.47 -14.77 -17.60
CA ARG A 68 -3.30 -14.76 -18.47
C ARG A 68 -2.28 -13.71 -18.06
N LEU A 69 -2.67 -12.73 -17.24
CA LEU A 69 -1.71 -11.79 -16.63
C LEU A 69 -1.32 -12.35 -15.28
N SER A 70 -0.08 -12.83 -15.18
CA SER A 70 0.41 -13.54 -14.01
C SER A 70 1.08 -12.60 -13.01
N SER A 71 0.93 -12.92 -11.73
CA SER A 71 1.56 -12.16 -10.66
C SER A 71 2.90 -12.75 -10.21
N ASN A 72 3.44 -13.70 -10.98
CA ASN A 72 4.67 -14.39 -10.60
C ASN A 72 5.84 -13.41 -10.72
N ARG A 73 6.31 -12.92 -9.57
CA ARG A 73 7.38 -11.95 -9.55
C ARG A 73 8.76 -12.56 -9.79
N THR A 74 8.88 -13.88 -9.78
CA THR A 74 10.13 -14.54 -10.12
C THR A 74 10.33 -14.71 -11.62
N ASP A 75 9.31 -14.41 -12.43
CA ASP A 75 9.43 -14.52 -13.87
C ASP A 75 10.42 -13.48 -14.39
N ASP A 76 11.33 -13.92 -15.27
CA ASP A 76 12.37 -13.02 -15.77
C ASP A 76 11.81 -11.81 -16.50
N ASN A 77 10.61 -11.94 -17.07
CA ASN A 77 9.99 -10.85 -17.80
C ASN A 77 9.04 -10.02 -16.95
N PHE A 78 9.04 -10.22 -15.63
CA PHE A 78 8.19 -9.43 -14.77
C PHE A 78 8.64 -7.97 -14.78
N PRO A 79 7.71 -7.03 -14.88
CA PRO A 79 8.09 -5.61 -14.95
C PRO A 79 8.59 -5.05 -13.62
N ALA A 80 9.87 -5.31 -13.33
CA ALA A 80 10.49 -4.70 -12.16
C ALA A 80 10.75 -3.23 -12.42
N THR A 81 10.31 -2.37 -11.50
CA THR A 81 10.39 -0.93 -11.69
C THR A 81 11.54 -0.29 -10.92
N SER A 82 12.32 -1.06 -10.17
CA SER A 82 13.46 -0.52 -9.43
C SER A 82 14.40 -1.68 -9.09
N PRO A 83 15.67 -1.37 -8.82
CA PRO A 83 16.58 -2.44 -8.36
C PRO A 83 16.18 -3.03 -7.02
N ALA A 84 15.55 -2.24 -6.15
CA ALA A 84 15.11 -2.75 -4.86
C ALA A 84 14.09 -3.87 -5.01
N PHE A 85 13.40 -3.94 -6.15
CA PHE A 85 12.45 -5.02 -6.39
C PHE A 85 13.11 -6.39 -6.34
N GLU A 86 14.42 -6.46 -6.52
CA GLU A 86 15.12 -7.74 -6.48
C GLU A 86 15.06 -8.40 -5.11
N ALA A 87 14.78 -7.62 -4.05
CA ALA A 87 14.74 -8.19 -2.71
C ALA A 87 13.67 -9.26 -2.57
N VAL A 88 12.51 -9.06 -3.21
CA VAL A 88 11.41 -10.02 -3.11
C VAL A 88 11.51 -11.13 -4.15
N ARG A 89 12.37 -10.98 -5.16
CA ARG A 89 12.39 -11.94 -6.26
C ARG A 89 13.18 -13.20 -5.91
N GLU A 90 14.17 -13.10 -5.01
CA GLU A 90 15.07 -14.21 -4.72
C GLU A 90 14.52 -15.23 -3.74
N SER A 91 13.63 -14.84 -2.84
CA SER A 91 13.11 -15.72 -1.80
C SER A 91 11.73 -16.25 -2.20
N PRO A 92 11.24 -17.28 -1.49
CA PRO A 92 9.89 -17.77 -1.77
C PRO A 92 8.85 -16.65 -1.73
N GLN A 93 7.83 -16.79 -2.57
CA GLN A 93 6.83 -15.75 -2.78
C GLN A 93 5.66 -15.92 -1.82
N ALA A 94 5.35 -14.85 -1.10
CA ALA A 94 4.04 -14.77 -0.46
C ALA A 94 2.96 -14.74 -1.53
N PHE A 95 1.71 -14.98 -1.12
CA PHE A 95 0.67 -15.21 -2.11
C PHE A 95 0.36 -13.98 -2.96
N ILE A 96 0.90 -12.80 -2.62
CA ILE A 96 0.78 -11.66 -3.51
C ILE A 96 1.54 -11.89 -4.82
N GLY A 97 2.52 -12.79 -4.81
CA GLY A 97 3.28 -13.08 -6.01
C GLY A 97 3.01 -14.48 -6.54
N LEU A 98 1.85 -15.04 -6.20
CA LEU A 98 1.47 -16.38 -6.63
C LEU A 98 0.21 -16.31 -7.50
N ASP A 99 0.08 -17.28 -8.37
CA ASP A 99 -1.11 -17.47 -9.17
C ASP A 99 -1.93 -18.63 -8.64
N PRO A 100 -3.20 -18.74 -9.02
CA PRO A 100 -3.96 -19.92 -8.68
C PRO A 100 -3.30 -21.16 -9.26
N PRO A 101 -3.42 -22.32 -8.59
CA PRO A 101 -4.17 -22.52 -7.35
C PRO A 101 -3.36 -22.24 -6.07
N GLU A 102 -2.05 -22.06 -6.21
CA GLU A 102 -1.20 -21.85 -5.04
C GLU A 102 -1.59 -20.58 -4.29
N HIS A 103 -2.04 -19.55 -5.01
CA HIS A 103 -2.41 -18.30 -4.36
C HIS A 103 -3.53 -18.50 -3.35
N GLY A 104 -4.57 -19.24 -3.74
CA GLY A 104 -5.71 -19.41 -2.86
C GLY A 104 -5.41 -20.28 -1.66
N THR A 105 -4.58 -21.30 -1.85
N THR A 105 -4.58 -21.31 -1.85
CA THR A 105 -4.22 -22.18 -0.74
CA THR A 105 -4.23 -22.18 -0.73
C THR A 105 -3.44 -21.43 0.33
C THR A 105 -3.44 -21.42 0.33
N ARG A 106 -2.56 -20.52 -0.09
CA ARG A 106 -1.78 -19.75 0.87
C ARG A 106 -2.61 -18.64 1.49
N ARG A 107 -3.35 -17.90 0.67
CA ARG A 107 -4.16 -16.79 1.18
C ARG A 107 -5.18 -17.27 2.19
N ARG A 108 -5.82 -18.41 1.92
CA ARG A 108 -6.81 -18.95 2.85
C ARG A 108 -6.21 -19.33 4.20
N MET A 109 -4.89 -19.43 4.30
CA MET A 109 -4.25 -19.64 5.60
C MET A 109 -4.29 -18.40 6.47
N THR A 110 -4.55 -17.23 5.90
CA THR A 110 -4.48 -15.97 6.62
C THR A 110 -5.80 -15.23 6.73
N ILE A 111 -6.83 -15.60 5.94
CA ILE A 111 -8.03 -14.77 5.83
C ILE A 111 -8.81 -14.68 7.14
N SER A 112 -8.65 -15.65 8.05
CA SER A 112 -9.45 -15.65 9.27
C SER A 112 -9.21 -14.39 10.10
N GLU A 113 -8.01 -13.84 10.05
CA GLU A 113 -7.65 -12.67 10.85
C GLU A 113 -8.12 -11.35 10.24
N PHE A 114 -8.71 -11.37 9.05
CA PHE A 114 -9.08 -10.13 8.36
C PHE A 114 -10.55 -10.07 7.99
N THR A 115 -11.39 -10.94 8.56
CA THR A 115 -12.81 -10.94 8.25
C THR A 115 -13.48 -9.68 8.77
N VAL A 116 -14.71 -9.43 8.29
CA VAL A 116 -15.49 -8.31 8.78
C VAL A 116 -15.74 -8.44 10.28
N LYS A 117 -15.95 -9.66 10.74
CA LYS A 117 -16.23 -9.87 12.16
C LYS A 117 -15.01 -9.60 13.02
N ARG A 118 -13.83 -10.02 12.57
CA ARG A 118 -12.60 -9.78 13.33
C ARG A 118 -12.24 -8.30 13.33
N ILE A 119 -12.41 -7.63 12.18
CA ILE A 119 -12.05 -6.22 12.09
C ILE A 119 -12.95 -5.38 13.00
N LYS A 120 -14.26 -5.61 12.94
CA LYS A 120 -15.16 -4.94 13.87
C LYS A 120 -14.80 -5.27 15.31
N GLY A 121 -14.37 -6.51 15.57
CA GLY A 121 -13.95 -6.87 16.91
C GLY A 121 -12.72 -6.11 17.36
N MET A 122 -11.86 -5.71 16.41
CA MET A 122 -10.65 -4.96 16.73
C MET A 122 -10.90 -3.47 16.91
N ARG A 123 -12.12 -3.01 16.67
CA ARG A 123 -12.45 -1.59 16.81
C ARG A 123 -12.05 -1.00 18.15
N PRO A 124 -12.39 -1.60 19.31
CA PRO A 124 -11.97 -0.99 20.58
C PRO A 124 -10.47 -0.91 20.75
N GLU A 125 -9.72 -1.94 20.35
N GLU A 125 -9.74 -1.97 20.36
CA GLU A 125 -8.28 -1.87 20.54
CA GLU A 125 -8.29 -1.97 20.46
C GLU A 125 -7.62 -0.92 19.55
C GLU A 125 -7.68 -0.89 19.58
N VAL A 126 -8.20 -0.75 18.37
CA VAL A 126 -7.66 0.27 17.44
C VAL A 126 -7.90 1.66 18.01
N GLU A 127 -9.08 1.92 18.55
CA GLU A 127 -9.34 3.21 19.19
C GLU A 127 -8.42 3.41 20.39
N GLU A 128 -8.15 2.35 21.15
CA GLU A 128 -7.25 2.47 22.30
C GLU A 128 -5.84 2.84 21.86
N VAL A 129 -5.34 2.19 20.81
CA VAL A 129 -3.99 2.49 20.34
C VAL A 129 -3.93 3.91 19.77
N VAL A 130 -4.96 4.31 19.03
CA VAL A 130 -4.97 5.65 18.43
C VAL A 130 -4.95 6.72 19.52
N HIS A 131 -5.89 6.63 20.47
CA HIS A 131 -5.95 7.62 21.53
C HIS A 131 -4.74 7.52 22.46
N GLY A 132 -4.09 6.36 22.53
CA GLY A 132 -2.89 6.26 23.34
C GLY A 132 -1.72 7.06 22.76
N PHE A 133 -1.44 6.89 21.47
CA PHE A 133 -0.36 7.63 20.86
C PHE A 133 -0.71 9.11 20.71
N LEU A 134 -2.00 9.44 20.66
CA LEU A 134 -2.39 10.84 20.68
C LEU A 134 -2.16 11.46 22.05
N ASP A 135 -2.46 10.71 23.12
CA ASP A 135 -2.15 11.16 24.47
C ASP A 135 -0.68 11.58 24.57
N GLU A 136 0.22 10.70 24.11
CA GLU A 136 1.64 10.96 24.23
C GLU A 136 2.07 12.15 23.39
N MET A 137 1.53 12.27 22.17
CA MET A 137 1.93 13.37 21.29
C MET A 137 1.42 14.70 21.82
N LEU A 138 0.14 14.77 22.22
CA LEU A 138 -0.43 16.02 22.68
C LEU A 138 0.18 16.44 24.02
N ALA A 139 0.47 15.46 24.89
CA ALA A 139 1.10 15.79 26.16
C ALA A 139 2.52 16.33 25.97
N ALA A 140 3.21 15.88 24.93
CA ALA A 140 4.55 16.37 24.65
C ALA A 140 4.53 17.76 24.04
N GLY A 141 3.46 18.12 23.34
CA GLY A 141 3.32 19.45 22.77
C GLY A 141 3.97 19.59 21.42
N PRO A 142 3.57 20.62 20.68
CA PRO A 142 4.16 20.88 19.35
C PRO A 142 5.55 21.48 19.48
N THR A 143 6.33 21.38 18.40
CA THR A 143 5.94 20.78 17.13
C THR A 143 6.35 19.31 17.05
N ALA A 144 5.51 18.48 16.44
CA ALA A 144 5.76 17.05 16.33
C ALA A 144 5.79 16.60 14.87
N ASP A 145 6.50 15.50 14.62
CA ASP A 145 6.46 14.81 13.34
C ASP A 145 5.32 13.80 13.40
N LEU A 146 4.25 14.06 12.65
CA LEU A 146 3.07 13.21 12.71
C LEU A 146 3.38 11.77 12.28
N VAL A 147 4.39 11.58 11.44
CA VAL A 147 4.67 10.25 10.92
C VAL A 147 5.26 9.36 12.00
N SER A 148 6.41 9.76 12.56
CA SER A 148 7.10 8.92 13.53
C SER A 148 6.40 8.91 14.88
N GLN A 149 5.53 9.89 15.16
CA GLN A 149 4.89 9.99 16.46
C GLN A 149 3.45 9.49 16.47
N PHE A 150 2.85 9.23 15.32
CA PHE A 150 1.45 8.84 15.29
C PHE A 150 1.11 7.98 14.07
N ALA A 151 1.51 8.44 12.88
CA ALA A 151 1.08 7.78 11.65
C ALA A 151 1.66 6.37 11.53
N LEU A 152 2.92 6.19 11.91
CA LEU A 152 3.56 4.88 11.80
C LEU A 152 3.31 3.98 13.02
N PRO A 153 3.45 4.47 14.26
CA PRO A 153 3.31 3.55 15.40
C PRO A 153 1.93 2.95 15.57
N VAL A 154 0.87 3.68 15.20
CA VAL A 154 -0.50 3.21 15.41
C VAL A 154 -0.74 1.92 14.62
N PRO A 155 -0.58 1.90 13.29
CA PRO A 155 -0.80 0.63 12.57
C PRO A 155 0.27 -0.40 12.86
N SER A 156 1.47 0.03 13.24
CA SER A 156 2.51 -0.92 13.66
C SER A 156 2.05 -1.74 14.85
N MET A 157 1.58 -1.07 15.91
CA MET A 157 1.12 -1.78 17.10
C MET A 157 -0.06 -2.68 16.79
N VAL A 158 -0.97 -2.20 15.94
CA VAL A 158 -2.16 -2.99 15.60
C VAL A 158 -1.77 -4.27 14.86
N ILE A 159 -0.91 -4.15 13.85
CA ILE A 159 -0.57 -5.32 13.03
C ILE A 159 0.28 -6.30 13.83
N CYS A 160 1.11 -5.79 14.76
CA CYS A 160 1.92 -6.69 15.58
C CYS A 160 1.03 -7.57 16.46
N ARG A 161 -0.01 -6.99 17.06
N ARG A 161 0.00 -6.99 17.08
CA ARG A 161 -0.92 -7.77 17.88
CA ARG A 161 -0.93 -7.79 17.88
C ARG A 161 -1.69 -8.77 17.03
C ARG A 161 -1.67 -8.80 17.02
N LEU A 162 -2.01 -8.41 15.78
CA LEU A 162 -2.67 -9.34 14.88
C LEU A 162 -1.75 -10.49 14.50
N LEU A 163 -0.48 -10.17 14.20
CA LEU A 163 0.46 -11.17 13.75
C LEU A 163 1.05 -12.00 14.89
N GLY A 164 1.04 -11.48 16.12
CA GLY A 164 1.79 -12.10 17.18
C GLY A 164 3.24 -11.71 17.20
N VAL A 165 3.60 -10.58 16.59
CA VAL A 165 4.96 -10.05 16.62
C VAL A 165 5.10 -9.19 17.87
N PRO A 166 6.12 -9.42 18.70
CA PRO A 166 6.24 -8.67 19.96
C PRO A 166 6.58 -7.20 19.68
N TYR A 167 5.76 -6.30 20.23
CA TYR A 167 6.00 -4.88 19.96
C TYR A 167 7.27 -4.36 20.62
N ALA A 168 7.81 -5.09 21.59
CA ALA A 168 9.06 -4.67 22.22
C ALA A 168 10.21 -4.59 21.22
N ASP A 169 10.10 -5.27 20.08
CA ASP A 169 11.11 -5.23 19.04
C ASP A 169 10.82 -4.18 17.97
N HIS A 170 9.93 -3.22 18.25
CA HIS A 170 9.41 -2.39 17.18
C HIS A 170 10.49 -1.54 16.54
N GLU A 171 11.46 -1.04 17.33
CA GLU A 171 12.51 -0.21 16.76
C GLU A 171 13.30 -0.97 15.71
N PHE A 172 13.50 -2.27 15.90
CA PHE A 172 14.26 -3.06 14.92
C PHE A 172 13.46 -3.21 13.63
N PHE A 173 12.28 -3.82 13.69
CA PHE A 173 11.59 -4.15 12.45
C PHE A 173 10.90 -2.95 11.82
N GLN A 174 10.61 -1.89 12.58
CA GLN A 174 10.16 -0.66 11.93
C GLN A 174 11.27 -0.04 11.10
N ASP A 175 12.52 -0.14 11.58
CA ASP A 175 13.64 0.39 10.82
C ASP A 175 13.94 -0.48 9.60
N ALA A 176 13.89 -1.80 9.77
CA ALA A 176 14.09 -2.69 8.64
C ALA A 176 12.99 -2.52 7.61
N SER A 177 11.75 -2.31 8.06
CA SER A 177 10.66 -2.04 7.14
C SER A 177 10.88 -0.75 6.37
N LYS A 178 11.28 0.31 7.08
CA LYS A 178 11.52 1.60 6.42
C LYS A 178 12.67 1.50 5.43
N ARG A 179 13.76 0.81 5.83
CA ARG A 179 14.90 0.66 4.93
C ARG A 179 14.50 -0.05 3.64
N LEU A 180 13.60 -1.03 3.73
CA LEU A 180 13.12 -1.68 2.52
C LEU A 180 12.25 -0.74 1.69
N VAL A 181 11.37 0.03 2.35
CA VAL A 181 10.43 0.88 1.64
C VAL A 181 11.16 1.96 0.86
N GLN A 182 12.21 2.53 1.45
N GLN A 182 12.20 2.54 1.45
CA GLN A 182 12.95 3.62 0.84
CA GLN A 182 12.95 3.63 0.83
C GLN A 182 14.20 3.15 0.09
C GLN A 182 14.20 3.15 0.10
N SER A 183 14.44 1.85 0.04
CA SER A 183 15.66 1.33 -0.57
C SER A 183 15.73 1.68 -2.06
N THR A 184 16.89 2.19 -2.48
CA THR A 184 17.11 2.62 -3.85
C THR A 184 18.08 1.72 -4.61
N ASP A 185 18.64 0.70 -3.96
CA ASP A 185 19.51 -0.26 -4.62
C ASP A 185 19.15 -1.67 -4.16
N ALA A 186 19.68 -2.66 -4.88
CA ALA A 186 19.33 -4.04 -4.58
C ALA A 186 19.98 -4.52 -3.29
N GLN A 187 21.25 -4.17 -3.08
CA GLN A 187 21.97 -4.66 -1.90
C GLN A 187 21.35 -4.12 -0.61
N SER A 188 20.95 -2.85 -0.60
CA SER A 188 20.32 -2.29 0.59
C SER A 188 18.98 -2.95 0.86
N ALA A 189 18.21 -3.20 -0.20
CA ALA A 189 16.91 -3.86 -0.03
C ALA A 189 17.08 -5.27 0.48
N LEU A 190 18.03 -6.02 -0.11
CA LEU A 190 18.24 -7.41 0.30
C LEU A 190 18.76 -7.49 1.72
N THR A 191 19.62 -6.55 2.13
CA THR A 191 20.09 -6.53 3.51
C THR A 191 18.92 -6.30 4.48
N ALA A 192 18.07 -5.32 4.18
CA ALA A 192 16.92 -5.06 5.03
C ALA A 192 15.94 -6.23 5.02
N ARG A 193 15.82 -6.94 3.90
CA ARG A 193 14.92 -8.08 3.85
C ARG A 193 15.46 -9.25 4.67
N ASN A 194 16.76 -9.53 4.54
CA ASN A 194 17.36 -10.60 5.32
C ASN A 194 17.35 -10.28 6.81
N ASP A 195 17.40 -8.99 7.16
CA ASP A 195 17.25 -8.60 8.56
C ASP A 195 15.88 -9.01 9.08
N LEU A 196 14.83 -8.75 8.31
CA LEU A 196 13.49 -9.18 8.71
C LEU A 196 13.36 -10.69 8.69
N ALA A 197 13.89 -11.33 7.66
CA ALA A 197 13.82 -12.79 7.56
C ALA A 197 14.50 -13.45 8.76
N GLY A 198 15.67 -12.95 9.15
CA GLY A 198 16.35 -13.53 10.31
C GLY A 198 15.56 -13.35 11.59
N TYR A 199 14.93 -12.19 11.76
CA TYR A 199 14.13 -11.95 12.95
C TYR A 199 12.89 -12.86 12.97
N LEU A 200 12.18 -12.96 11.84
CA LEU A 200 10.98 -13.77 11.80
C LEU A 200 11.28 -15.25 11.94
N ASP A 201 12.43 -15.71 11.42
CA ASP A 201 12.79 -17.11 11.57
C ASP A 201 13.00 -17.49 13.03
N GLY A 202 13.66 -16.61 13.80
CA GLY A 202 13.80 -16.84 15.22
C GLY A 202 12.49 -16.78 15.96
N LEU A 203 11.57 -15.93 15.50
CA LEU A 203 10.24 -15.88 16.09
C LEU A 203 9.50 -17.18 15.85
N ILE A 204 9.71 -17.81 14.69
CA ILE A 204 9.11 -19.11 14.42
C ILE A 204 9.62 -20.15 15.41
N THR A 205 10.94 -20.20 15.60
CA THR A 205 11.52 -21.12 16.56
C THR A 205 10.99 -20.85 17.96
N GLN A 206 10.82 -19.57 18.31
CA GLN A 206 10.25 -19.22 19.61
C GLN A 206 8.84 -19.77 19.76
N PHE A 207 8.03 -19.69 18.70
CA PHE A 207 6.67 -20.23 18.77
C PHE A 207 6.67 -21.75 18.81
N GLN A 208 7.69 -22.38 18.22
CA GLN A 208 7.77 -23.84 18.28
C GLN A 208 8.13 -24.31 19.68
N THR A 209 8.92 -23.52 20.42
CA THR A 209 9.15 -23.82 21.83
C THR A 209 7.89 -23.57 22.66
N GLU A 210 7.32 -22.38 22.52
CA GLU A 210 6.14 -21.97 23.30
C GLU A 210 5.08 -21.47 22.34
N PRO A 211 4.05 -22.27 22.05
CA PRO A 211 2.96 -21.81 21.18
C PRO A 211 2.42 -20.45 21.62
N GLY A 212 2.20 -19.57 20.64
CA GLY A 212 1.90 -18.19 20.91
C GLY A 212 0.66 -17.71 20.18
N ALA A 213 0.33 -16.45 20.42
CA ALA A 213 -0.85 -15.82 19.85
C ALA A 213 -0.53 -15.22 18.49
N GLY A 214 -1.57 -14.73 17.82
CA GLY A 214 -1.42 -14.07 16.55
C GLY A 214 -1.38 -15.03 15.39
N LEU A 215 -1.48 -14.47 14.19
CA LEU A 215 -1.51 -15.27 12.97
C LEU A 215 -0.24 -16.09 12.80
N VAL A 216 0.92 -15.50 13.08
CA VAL A 216 2.18 -16.21 12.95
C VAL A 216 2.20 -17.45 13.85
N GLY A 217 1.74 -17.29 15.10
CA GLY A 217 1.67 -18.43 15.98
C GLY A 217 0.73 -19.51 15.47
N ALA A 218 -0.40 -19.10 14.89
CA ALA A 218 -1.33 -20.07 14.32
C ALA A 218 -0.70 -20.82 13.15
N LEU A 219 -0.02 -20.09 12.26
CA LEU A 219 0.62 -20.72 11.12
C LEU A 219 1.71 -21.68 11.56
N VAL A 220 2.43 -21.34 12.63
CA VAL A 220 3.48 -22.21 13.13
C VAL A 220 2.89 -23.47 13.76
N ALA A 221 1.81 -23.31 14.52
CA ALA A 221 1.25 -24.46 15.24
C ALA A 221 0.49 -25.41 14.33
N ASP A 222 -0.04 -24.91 13.21
CA ASP A 222 -0.87 -25.74 12.35
C ASP A 222 -0.19 -26.06 11.02
N GLN A 223 -0.19 -25.10 10.09
CA GLN A 223 0.23 -25.38 8.73
C GLN A 223 1.70 -25.79 8.67
N LEU A 224 2.57 -25.07 9.37
CA LEU A 224 3.99 -25.41 9.34
C LEU A 224 4.24 -26.79 9.92
N ALA A 225 3.59 -27.11 11.04
CA ALA A 225 3.76 -28.41 11.66
C ALA A 225 3.20 -29.56 10.82
N ASN A 226 2.27 -29.26 9.92
CA ASN A 226 1.74 -30.26 8.99
C ASN A 226 2.43 -30.22 7.63
N GLY A 227 3.47 -29.41 7.47
CA GLY A 227 4.20 -29.35 6.22
C GLY A 227 3.41 -28.81 5.05
N GLU A 228 2.36 -28.03 5.32
CA GLU A 228 1.52 -27.46 4.26
C GLU A 228 1.99 -26.09 3.82
N ILE A 229 2.87 -25.46 4.59
CA ILE A 229 3.57 -24.26 4.17
C ILE A 229 5.04 -24.46 4.47
N ASP A 230 5.91 -23.94 3.61
CA ASP A 230 7.34 -23.99 3.89
C ASP A 230 7.69 -22.95 4.94
N ARG A 231 8.78 -23.22 5.68
CA ARG A 231 9.23 -22.29 6.70
C ARG A 231 9.58 -20.93 6.09
N GLU A 232 10.08 -20.90 4.86
N GLU A 232 10.07 -20.91 4.86
CA GLU A 232 10.43 -19.64 4.22
CA GLU A 232 10.44 -19.66 4.20
C GLU A 232 9.23 -18.96 3.57
C GLU A 232 9.24 -18.97 3.57
N GLU A 233 8.19 -19.72 3.22
CA GLU A 233 6.94 -19.08 2.79
C GLU A 233 6.27 -18.37 3.95
N LEU A 234 6.30 -18.99 5.15
CA LEU A 234 5.77 -18.33 6.33
C LEU A 234 6.49 -17.02 6.60
N ILE A 235 7.82 -17.03 6.47
CA ILE A 235 8.61 -15.81 6.64
C ILE A 235 8.18 -14.75 5.64
N SER A 236 8.06 -15.14 4.37
CA SER A 236 7.66 -14.18 3.34
C SER A 236 6.25 -13.66 3.57
N THR A 237 5.34 -14.54 3.99
CA THR A 237 3.96 -14.12 4.21
C THR A 237 3.86 -13.18 5.41
N ALA A 238 4.47 -13.56 6.53
CA ALA A 238 4.49 -12.69 7.71
C ALA A 238 5.13 -11.35 7.39
N MET A 239 6.23 -11.37 6.61
CA MET A 239 6.91 -10.13 6.26
C MET A 239 6.01 -9.26 5.39
N LEU A 240 5.30 -9.86 4.44
CA LEU A 240 4.36 -9.10 3.61
C LEU A 240 3.33 -8.40 4.47
N LEU A 241 2.71 -9.14 5.40
CA LEU A 241 1.69 -8.55 6.25
C LEU A 241 2.28 -7.52 7.20
N LEU A 242 3.50 -7.76 7.69
CA LEU A 242 4.12 -6.84 8.64
C LEU A 242 4.42 -5.49 7.98
N ILE A 243 5.10 -5.51 6.83
CA ILE A 243 5.43 -4.28 6.12
C ILE A 243 4.16 -3.58 5.67
N ALA A 244 3.26 -4.33 5.03
CA ALA A 244 1.99 -3.75 4.58
C ALA A 244 1.21 -3.14 5.74
N GLY A 245 1.15 -3.86 6.86
CA GLY A 245 0.44 -3.32 8.01
C GLY A 245 1.03 -2.03 8.52
N HIS A 246 2.36 -1.94 8.53
CA HIS A 246 3.03 -0.70 8.94
C HIS A 246 2.81 0.42 7.93
N GLU A 247 3.22 0.19 6.67
CA GLU A 247 3.56 1.30 5.79
C GLU A 247 2.36 1.88 5.06
N THR A 248 1.46 1.02 4.57
CA THR A 248 0.33 1.52 3.78
C THR A 248 -0.55 2.45 4.59
N THR A 249 -0.95 2.01 5.80
CA THR A 249 -1.83 2.82 6.62
C THR A 249 -1.16 4.12 7.06
N ALA A 250 0.12 4.07 7.41
CA ALA A 250 0.83 5.28 7.79
C ALA A 250 0.84 6.29 6.66
N SER A 251 1.02 5.82 5.43
CA SER A 251 1.03 6.72 4.27
C SER A 251 -0.35 7.31 4.01
N MET A 252 -1.40 6.49 4.15
CA MET A 252 -2.75 7.02 3.97
C MET A 252 -3.07 8.07 5.04
N THR A 253 -2.58 7.88 6.26
CA THR A 253 -2.83 8.86 7.32
C THR A 253 -2.15 10.19 7.00
N SER A 254 -0.85 10.17 6.74
CA SER A 254 -0.12 11.42 6.51
C SER A 254 -0.65 12.15 5.28
N LEU A 255 -0.90 11.42 4.19
CA LEU A 255 -1.38 12.06 2.97
C LEU A 255 -2.83 12.51 3.12
N SER A 256 -3.65 11.78 3.87
CA SER A 256 -5.02 12.25 4.11
C SER A 256 -5.02 13.55 4.91
N VAL A 257 -4.11 13.67 5.88
CA VAL A 257 -4.02 14.90 6.67
C VAL A 257 -3.59 16.06 5.78
N ILE A 258 -2.52 15.86 5.00
CA ILE A 258 -2.07 16.89 4.07
C ILE A 258 -3.20 17.29 3.14
N THR A 259 -3.88 16.30 2.55
CA THR A 259 -4.90 16.59 1.54
C THR A 259 -6.10 17.28 2.16
N LEU A 260 -6.57 16.82 3.32
CA LEU A 260 -7.75 17.43 3.94
C LEU A 260 -7.48 18.88 4.32
N LEU A 261 -6.26 19.19 4.76
CA LEU A 261 -5.94 20.57 5.13
C LEU A 261 -5.81 21.49 3.93
N ASP A 262 -5.54 20.95 2.74
CA ASP A 262 -5.55 21.74 1.52
C ASP A 262 -6.95 21.90 0.94
N HIS A 263 -7.95 21.25 1.53
CA HIS A 263 -9.35 21.41 1.13
C HIS A 263 -10.17 21.69 2.39
N PRO A 264 -9.96 22.86 3.01
CA PRO A 264 -10.53 23.10 4.35
C PRO A 264 -12.04 23.11 4.37
N GLU A 265 -12.69 23.46 3.27
CA GLU A 265 -14.15 23.41 3.23
C GLU A 265 -14.64 21.98 3.44
N GLN A 266 -14.02 21.02 2.75
CA GLN A 266 -14.45 19.63 2.88
C GLN A 266 -14.05 19.03 4.22
N TYR A 267 -12.94 19.47 4.80
CA TYR A 267 -12.54 18.98 6.11
C TYR A 267 -13.52 19.46 7.18
N ALA A 268 -13.85 20.76 7.16
CA ALA A 268 -14.81 21.29 8.12
C ALA A 268 -16.18 20.64 7.94
N ALA A 269 -16.58 20.39 6.70
CA ALA A 269 -17.83 19.67 6.45
C ALA A 269 -17.74 18.25 7.01
N LEU A 270 -16.59 17.60 6.86
CA LEU A 270 -16.41 16.26 7.40
C LEU A 270 -16.51 16.25 8.92
N ARG A 271 -15.90 17.26 9.57
CA ARG A 271 -15.96 17.32 11.03
C ARG A 271 -17.38 17.57 11.52
N ALA A 272 -18.14 18.38 10.77
CA ALA A 272 -19.50 18.70 11.17
C ALA A 272 -20.47 17.53 11.00
N ASP A 273 -20.06 16.47 10.29
CA ASP A 273 -20.94 15.33 10.08
C ASP A 273 -20.06 14.09 9.94
N ARG A 274 -20.01 13.28 11.01
CA ARG A 274 -19.23 12.05 10.99
C ARG A 274 -19.89 10.96 10.18
N SER A 275 -21.17 11.14 9.81
CA SER A 275 -21.81 10.26 8.84
C SER A 275 -21.02 10.19 7.55
N LEU A 276 -20.21 11.21 7.26
CA LEU A 276 -19.48 11.30 6.00
C LEU A 276 -18.12 10.61 6.02
N VAL A 277 -17.62 10.21 7.19
CA VAL A 277 -16.27 9.65 7.29
C VAL A 277 -16.08 8.42 6.40
N PRO A 278 -16.98 7.42 6.41
CA PRO A 278 -16.77 6.27 5.50
C PRO A 278 -16.62 6.67 4.05
N GLY A 279 -17.54 7.47 3.51
CA GLY A 279 -17.43 7.92 2.13
C GLY A 279 -16.20 8.78 1.88
N ALA A 280 -15.81 9.58 2.86
CA ALA A 280 -14.58 10.36 2.73
C ALA A 280 -13.36 9.46 2.67
N VAL A 281 -13.39 8.33 3.37
CA VAL A 281 -12.25 7.41 3.36
C VAL A 281 -12.11 6.76 1.98
N GLU A 282 -13.23 6.37 1.37
CA GLU A 282 -13.19 5.81 0.03
C GLU A 282 -12.65 6.82 -0.98
N GLU A 283 -13.11 8.07 -0.89
CA GLU A 283 -12.64 9.08 -1.82
C GLU A 283 -11.15 9.34 -1.64
N LEU A 284 -10.67 9.36 -0.40
CA LEU A 284 -9.24 9.54 -0.15
C LEU A 284 -8.44 8.35 -0.70
N LEU A 285 -8.99 7.15 -0.59
CA LEU A 285 -8.31 5.98 -1.14
C LEU A 285 -8.22 6.05 -2.66
N ARG A 286 -9.34 6.38 -3.32
CA ARG A 286 -9.31 6.58 -4.76
C ARG A 286 -8.37 7.70 -5.16
N TYR A 287 -8.42 8.81 -4.43
CA TYR A 287 -7.71 10.03 -4.83
C TYR A 287 -6.21 9.91 -4.61
N LEU A 288 -5.80 9.31 -3.49
CA LEU A 288 -4.39 9.24 -3.14
C LEU A 288 -3.69 8.02 -3.71
N ALA A 289 -4.41 6.91 -3.88
CA ALA A 289 -3.93 5.67 -4.50
C ALA A 289 -2.46 5.40 -4.23
N ILE A 290 -2.11 5.19 -2.95
CA ILE A 290 -0.70 5.13 -2.55
C ILE A 290 0.01 3.86 -2.99
N ALA A 291 -0.73 2.83 -3.44
CA ALA A 291 -0.13 1.59 -3.90
C ALA A 291 -0.14 1.46 -5.42
N ASP A 292 -0.02 2.58 -6.14
CA ASP A 292 -0.11 2.52 -7.59
C ASP A 292 1.14 1.91 -8.24
N ILE A 293 2.16 1.59 -7.46
CA ILE A 293 3.31 0.86 -8.00
C ILE A 293 3.10 -0.65 -7.99
N ALA A 294 2.15 -1.15 -7.19
CA ALA A 294 1.93 -2.58 -7.03
C ALA A 294 0.94 -3.15 -8.04
N GLY A 295 1.07 -2.79 -9.31
CA GLY A 295 0.20 -3.33 -10.34
C GLY A 295 0.86 -4.28 -11.33
N GLY A 296 2.05 -4.78 -11.02
CA GLY A 296 2.83 -5.49 -12.01
C GLY A 296 2.25 -6.85 -12.34
N ARG A 297 2.26 -7.18 -13.65
CA ARG A 297 1.82 -8.46 -14.16
C ARG A 297 2.71 -8.84 -15.33
N VAL A 298 2.73 -10.13 -15.65
CA VAL A 298 3.44 -10.64 -16.83
C VAL A 298 2.50 -11.55 -17.60
N ALA A 299 2.45 -11.36 -18.92
CA ALA A 299 1.55 -12.13 -19.76
C ALA A 299 2.13 -13.50 -20.05
N THR A 300 1.35 -14.54 -19.78
CA THR A 300 1.73 -15.91 -20.13
C THR A 300 1.10 -16.37 -21.44
N ALA A 301 0.31 -15.52 -22.09
CA ALA A 301 -0.28 -15.81 -23.39
C ALA A 301 -0.69 -14.49 -24.02
N ASP A 302 -1.00 -14.55 -25.31
CA ASP A 302 -1.41 -13.35 -26.03
C ASP A 302 -2.74 -12.84 -25.50
N ILE A 303 -2.85 -11.52 -25.35
CA ILE A 303 -4.06 -10.86 -24.89
C ILE A 303 -4.30 -9.65 -25.79
N GLU A 304 -5.43 -9.63 -26.47
CA GLU A 304 -5.80 -8.49 -27.29
C GLU A 304 -6.76 -7.60 -26.51
N VAL A 305 -6.44 -6.32 -26.42
CA VAL A 305 -7.18 -5.35 -25.61
C VAL A 305 -7.59 -4.21 -26.54
N GLU A 306 -8.86 -4.22 -26.96
CA GLU A 306 -9.44 -3.14 -27.74
C GLU A 306 -8.59 -2.80 -28.97
N GLY A 307 -8.20 -3.83 -29.70
CA GLY A 307 -7.40 -3.68 -30.89
C GLY A 307 -5.89 -3.67 -30.67
N GLN A 308 -5.44 -3.43 -29.45
CA GLN A 308 -4.02 -3.52 -29.12
C GLN A 308 -3.71 -4.93 -28.60
N LEU A 309 -2.54 -5.44 -28.95
CA LEU A 309 -2.17 -6.82 -28.66
C LEU A 309 -1.07 -6.86 -27.61
N ILE A 310 -1.36 -7.52 -26.49
CA ILE A 310 -0.34 -7.85 -25.49
C ILE A 310 0.22 -9.22 -25.83
N ARG A 311 1.54 -9.30 -25.99
CA ARG A 311 2.19 -10.55 -26.35
C ARG A 311 2.61 -11.31 -25.10
N ALA A 312 2.64 -12.64 -25.21
CA ALA A 312 3.16 -13.46 -24.13
C ALA A 312 4.59 -13.07 -23.82
N GLY A 313 4.92 -13.01 -22.53
CA GLY A 313 6.23 -12.59 -22.09
C GLY A 313 6.40 -11.11 -21.88
N GLU A 314 5.37 -10.30 -22.16
CA GLU A 314 5.43 -8.87 -21.96
C GLU A 314 4.98 -8.51 -20.55
N GLY A 315 5.65 -7.51 -19.96
CA GLY A 315 5.23 -6.99 -18.67
C GLY A 315 4.11 -5.97 -18.83
N VAL A 316 3.16 -6.03 -17.91
CA VAL A 316 2.03 -5.12 -17.86
C VAL A 316 1.92 -4.56 -16.45
N ILE A 317 1.67 -3.25 -16.33
CA ILE A 317 1.53 -2.59 -15.05
C ILE A 317 0.18 -1.90 -15.02
N VAL A 318 -0.72 -2.38 -14.16
CA VAL A 318 -2.03 -1.78 -13.96
C VAL A 318 -1.86 -0.67 -12.92
N VAL A 319 -1.82 0.58 -13.40
CA VAL A 319 -1.54 1.74 -12.56
C VAL A 319 -2.87 2.23 -12.00
N ASN A 320 -3.18 1.85 -10.75
CA ASN A 320 -4.52 2.12 -10.24
C ASN A 320 -4.76 3.61 -9.95
N SER A 321 -3.70 4.40 -9.72
CA SER A 321 -3.90 5.83 -9.56
C SER A 321 -4.44 6.47 -10.83
N ILE A 322 -3.88 6.11 -11.98
CA ILE A 322 -4.36 6.63 -13.25
C ILE A 322 -5.78 6.15 -13.53
N ALA A 323 -6.03 4.85 -13.30
CA ALA A 323 -7.37 4.31 -13.50
C ALA A 323 -8.39 4.95 -12.57
N ASN A 324 -7.97 5.33 -11.36
CA ASN A 324 -8.87 6.01 -10.44
C ASN A 324 -9.17 7.44 -10.85
N ARG A 325 -8.43 7.99 -11.81
CA ARG A 325 -8.73 9.31 -12.38
C ARG A 325 -9.38 9.20 -13.76
N ASP A 326 -10.17 8.15 -13.99
CA ASP A 326 -10.87 7.97 -15.25
C ASP A 326 -12.14 8.82 -15.22
N GLY A 327 -12.17 9.85 -16.06
CA GLY A 327 -13.31 10.77 -16.09
C GLY A 327 -14.61 10.12 -16.50
N THR A 328 -14.57 8.97 -17.18
CA THR A 328 -15.78 8.25 -17.54
C THR A 328 -16.37 7.48 -16.37
N VAL A 329 -15.66 7.40 -15.24
CA VAL A 329 -16.17 6.75 -14.04
C VAL A 329 -16.45 7.77 -12.94
N TYR A 330 -15.54 8.71 -12.72
CA TYR A 330 -15.65 9.70 -11.67
C TYR A 330 -15.69 11.08 -12.31
N GLU A 331 -16.87 11.69 -12.34
CA GLU A 331 -17.05 12.99 -12.96
C GLU A 331 -16.13 14.01 -12.32
N ASP A 332 -15.37 14.73 -13.15
CA ASP A 332 -14.33 15.65 -12.71
C ASP A 332 -13.37 14.88 -11.81
N PRO A 333 -12.58 13.96 -12.37
CA PRO A 333 -11.88 12.98 -11.54
C PRO A 333 -10.74 13.56 -10.71
N ASP A 334 -10.15 14.67 -11.12
CA ASP A 334 -9.03 15.24 -10.38
C ASP A 334 -9.48 16.18 -9.26
N ALA A 335 -10.78 16.25 -8.99
CA ALA A 335 -11.32 17.04 -7.90
C ALA A 335 -11.62 16.13 -6.71
N LEU A 336 -11.05 16.47 -5.56
CA LEU A 336 -11.38 15.76 -4.33
C LEU A 336 -12.81 16.10 -3.92
N ASP A 337 -13.65 15.08 -3.81
CA ASP A 337 -15.06 15.27 -3.44
C ASP A 337 -15.44 14.16 -2.46
N ILE A 338 -15.41 14.47 -1.17
CA ILE A 338 -15.78 13.49 -0.15
C ILE A 338 -17.25 13.12 -0.19
N HIS A 339 -18.07 13.86 -0.94
CA HIS A 339 -19.49 13.55 -1.08
C HIS A 339 -19.78 12.66 -2.29
N ARG A 340 -18.84 12.51 -3.22
CA ARG A 340 -19.09 11.73 -4.42
C ARG A 340 -19.14 10.24 -4.10
N SER A 341 -19.65 9.47 -5.05
CA SER A 341 -19.57 8.02 -5.00
C SER A 341 -18.20 7.59 -5.50
N ALA A 342 -17.31 7.20 -4.58
CA ALA A 342 -16.01 6.67 -4.93
C ALA A 342 -16.05 5.17 -5.19
N ARG A 343 -17.23 4.61 -5.43
CA ARG A 343 -17.38 3.17 -5.58
C ARG A 343 -16.54 2.65 -6.75
N HIS A 344 -16.15 1.37 -6.64
CA HIS A 344 -15.45 0.62 -7.67
C HIS A 344 -14.05 1.15 -7.95
N HIS A 345 -13.48 1.91 -7.03
CA HIS A 345 -12.10 2.36 -7.20
C HIS A 345 -11.15 1.18 -7.05
N LEU A 346 -9.93 1.36 -7.59
CA LEU A 346 -8.96 0.29 -7.67
C LEU A 346 -7.76 0.51 -6.74
N ALA A 347 -7.91 1.37 -5.72
CA ALA A 347 -6.81 1.58 -4.79
C ALA A 347 -6.39 0.29 -4.10
N PHE A 348 -7.34 -0.64 -3.92
CA PHE A 348 -7.04 -1.94 -3.35
C PHE A 348 -6.93 -3.05 -4.39
N GLY A 349 -7.07 -2.72 -5.67
CA GLY A 349 -7.04 -3.72 -6.71
C GLY A 349 -8.41 -4.30 -7.00
N PHE A 350 -8.41 -5.46 -7.65
CA PHE A 350 -9.63 -6.12 -8.06
C PHE A 350 -9.31 -7.58 -8.36
N GLY A 351 -10.25 -8.47 -8.03
CA GLY A 351 -10.08 -9.88 -8.34
C GLY A 351 -9.52 -10.71 -7.22
N VAL A 352 -8.78 -11.77 -7.58
CA VAL A 352 -8.28 -12.70 -6.57
C VAL A 352 -7.22 -12.08 -5.68
N HIS A 353 -6.55 -11.02 -6.13
CA HIS A 353 -5.48 -10.40 -5.37
C HIS A 353 -5.89 -9.12 -4.65
N GLN A 354 -7.19 -8.79 -4.66
CA GLN A 354 -7.62 -7.55 -4.02
C GLN A 354 -7.21 -7.54 -2.56
N CYS A 355 -6.75 -6.38 -2.09
CA CYS A 355 -6.06 -6.21 -0.83
C CYS A 355 -6.74 -6.95 0.32
N LEU A 356 -6.01 -7.92 0.88
CA LEU A 356 -6.53 -8.65 2.04
C LEU A 356 -6.77 -7.72 3.23
N GLY A 357 -5.96 -6.69 3.39
CA GLY A 357 -6.08 -5.81 4.53
C GLY A 357 -6.96 -4.60 4.30
N GLN A 358 -7.84 -4.66 3.30
CA GLN A 358 -8.64 -3.49 2.95
C GLN A 358 -9.63 -3.13 4.06
N ASN A 359 -10.24 -4.13 4.70
CA ASN A 359 -11.15 -3.84 5.80
C ASN A 359 -10.41 -3.21 6.97
N LEU A 360 -9.18 -3.65 7.23
CA LEU A 360 -8.40 -3.10 8.33
C LEU A 360 -7.97 -1.67 8.04
N ALA A 361 -7.50 -1.41 6.81
CA ALA A 361 -7.10 -0.05 6.44
C ALA A 361 -8.28 0.91 6.52
N ARG A 362 -9.46 0.46 6.06
CA ARG A 362 -10.65 1.29 6.16
C ARG A 362 -11.00 1.59 7.61
N LEU A 363 -10.92 0.58 8.49
CA LEU A 363 -11.22 0.81 9.90
C LEU A 363 -10.24 1.78 10.53
N GLU A 364 -8.94 1.54 10.34
CA GLU A 364 -7.93 2.38 10.97
C GLU A 364 -8.06 3.83 10.51
N LEU A 365 -8.31 4.06 9.22
CA LEU A 365 -8.39 5.43 8.72
C LEU A 365 -9.61 6.14 9.29
N GLU A 366 -10.75 5.46 9.35
CA GLU A 366 -11.94 6.06 9.96
C GLU A 366 -11.66 6.47 11.41
N VAL A 367 -11.10 5.53 12.20
CA VAL A 367 -10.82 5.82 13.60
C VAL A 367 -9.82 6.97 13.72
N ILE A 368 -8.77 6.95 12.90
CA ILE A 368 -7.74 7.99 12.96
C ILE A 368 -8.32 9.36 12.63
N LEU A 369 -9.11 9.44 11.55
CA LEU A 369 -9.68 10.72 11.15
C LEU A 369 -10.62 11.26 12.20
N ASN A 370 -11.49 10.39 12.75
CA ASN A 370 -12.40 10.84 13.81
C ASN A 370 -11.63 11.28 15.05
N ALA A 371 -10.53 10.61 15.36
CA ALA A 371 -9.76 10.96 16.55
C ALA A 371 -9.04 12.29 16.37
N LEU A 372 -8.49 12.53 15.18
CA LEU A 372 -7.81 13.80 14.93
C LEU A 372 -8.77 14.98 14.98
N MET A 373 -9.99 14.79 14.45
CA MET A 373 -10.99 15.85 14.51
C MET A 373 -11.53 16.05 15.92
N ASP A 374 -11.52 14.99 16.74
CA ASP A 374 -11.99 15.12 18.11
C ASP A 374 -10.92 15.70 19.02
N ARG A 375 -9.71 15.12 18.98
CA ARG A 375 -8.67 15.45 19.96
C ARG A 375 -7.81 16.64 19.55
N VAL A 376 -7.70 16.94 18.27
CA VAL A 376 -6.83 18.02 17.84
C VAL A 376 -7.46 18.74 16.65
N PRO A 377 -8.57 19.47 16.86
CA PRO A 377 -9.19 20.18 15.74
C PRO A 377 -8.36 21.33 15.21
N THR A 378 -7.46 21.90 16.01
CA THR A 378 -6.58 22.97 15.58
C THR A 378 -5.32 22.45 14.91
N LEU A 379 -5.30 21.18 14.51
CA LEU A 379 -4.13 20.62 13.85
C LEU A 379 -3.88 21.34 12.52
N ARG A 380 -2.62 21.63 12.26
CA ARG A 380 -2.22 22.26 11.01
C ARG A 380 -0.76 21.94 10.76
N LEU A 381 -0.36 22.01 9.49
CA LEU A 381 1.02 21.76 9.12
C LEU A 381 1.94 22.83 9.67
N ALA A 382 3.12 22.42 10.13
CA ALA A 382 4.12 23.35 10.63
C ALA A 382 5.01 23.91 9.53
N VAL A 383 4.85 23.45 8.29
CA VAL A 383 5.61 23.96 7.15
C VAL A 383 4.69 24.02 5.93
N PRO A 384 5.04 24.83 4.94
CA PRO A 384 4.34 24.74 3.65
C PRO A 384 4.52 23.35 3.04
N VAL A 385 3.50 22.89 2.32
CA VAL A 385 3.54 21.57 1.72
C VAL A 385 4.66 21.47 0.69
N GLU A 386 5.10 22.60 0.14
CA GLU A 386 6.20 22.60 -0.81
C GLU A 386 7.51 22.15 -0.16
N GLN A 387 7.65 22.36 1.15
CA GLN A 387 8.84 21.93 1.87
C GLN A 387 8.81 20.44 2.20
N LEU A 388 7.65 19.80 2.12
CA LEU A 388 7.55 18.38 2.39
C LEU A 388 8.26 17.58 1.30
N VAL A 389 8.84 16.45 1.71
CA VAL A 389 9.64 15.61 0.82
C VAL A 389 8.81 14.38 0.48
N LEU A 390 8.54 14.20 -0.82
CA LEU A 390 7.71 13.11 -1.29
C LEU A 390 8.58 11.90 -1.63
N ARG A 391 8.05 10.71 -1.36
CA ARG A 391 8.71 9.49 -1.80
C ARG A 391 8.56 9.34 -3.31
N PRO A 392 9.53 8.72 -3.97
CA PRO A 392 9.46 8.55 -5.43
C PRO A 392 8.39 7.54 -5.83
N GLY A 393 8.08 7.53 -7.12
CA GLY A 393 7.09 6.61 -7.65
C GLY A 393 7.50 5.16 -7.67
N THR A 394 8.75 4.86 -7.29
CA THR A 394 9.24 3.49 -7.23
C THR A 394 8.86 2.78 -5.93
N THR A 395 8.14 3.43 -5.02
CA THR A 395 7.80 2.83 -3.74
C THR A 395 6.41 3.29 -3.32
N ILE A 396 6.06 3.01 -2.06
CA ILE A 396 4.78 3.45 -1.53
C ILE A 396 4.76 4.98 -1.46
N GLN A 397 3.69 5.58 -1.96
CA GLN A 397 3.55 7.03 -1.90
C GLN A 397 3.44 7.49 -0.46
N GLY A 398 4.11 8.61 -0.16
CA GLY A 398 4.04 9.15 1.19
C GLY A 398 5.09 10.23 1.37
N VAL A 399 5.18 10.71 2.61
CA VAL A 399 6.15 11.73 3.01
C VAL A 399 7.02 11.14 4.12
N ASN A 400 8.30 11.52 4.12
CA ASN A 400 9.21 10.97 5.12
C ASN A 400 8.97 11.55 6.50
N GLU A 401 8.44 12.77 6.57
CA GLU A 401 8.06 13.38 7.85
C GLU A 401 7.03 14.45 7.59
N LEU A 402 6.15 14.66 8.57
CA LEU A 402 5.06 15.63 8.46
C LEU A 402 5.06 16.49 9.71
N PRO A 403 5.81 17.58 9.72
CA PRO A 403 5.79 18.50 10.87
C PRO A 403 4.42 19.15 11.02
N VAL A 404 3.80 18.95 12.18
CA VAL A 404 2.50 19.50 12.48
C VAL A 404 2.57 20.28 13.79
N THR A 405 1.61 21.17 13.97
CA THR A 405 1.47 21.94 15.20
C THR A 405 -0.01 22.09 15.52
N TRP A 406 -0.30 22.57 16.72
CA TRP A 406 -1.67 22.69 17.18
C TRP A 406 -1.69 23.59 18.42
N HIS A 407 -2.89 23.86 18.92
CA HIS A 407 -3.09 24.74 20.07
C HIS A 407 -2.72 23.99 21.34
N HIS A 408 -1.56 24.29 21.90
CA HIS A 408 -1.13 23.66 23.15
C HIS A 408 -1.81 24.33 24.34
CHA HEM B . -2.83 -6.42 -2.02
CHB HEM B . -3.29 -1.60 -1.78
CHC HEM B . -3.31 -1.93 3.06
CHD HEM B . -2.12 -6.60 2.81
C1A HEM B . -3.00 -5.12 -2.40
C2A HEM B . -3.16 -4.60 -3.76
C3A HEM B . -3.28 -3.28 -3.69
C4A HEM B . -3.20 -2.89 -2.29
CMA HEM B . -3.47 -2.33 -4.89
CAA HEM B . -3.19 -5.43 -5.06
CBA HEM B . -1.83 -6.03 -5.39
CGA HEM B . -1.90 -6.75 -6.71
O1A HEM B . -3.00 -6.76 -7.34
O2A HEM B . -0.87 -7.32 -7.15
C1B HEM B . -3.38 -1.27 -0.45
C2B HEM B . -3.66 0.05 0.10
C3B HEM B . -3.65 -0.06 1.45
C4B HEM B . -3.39 -1.44 1.78
CMB HEM B . -3.90 1.32 -0.74
CAB HEM B . -3.90 1.00 2.55
CBB HEM B . -4.71 2.04 2.37
C1C HEM B . -2.99 -3.21 3.43
C2C HEM B . -2.87 -3.70 4.79
C3C HEM B . -2.55 -4.99 4.74
C4C HEM B . -2.43 -5.37 3.34
CMC HEM B . -3.11 -2.86 6.06
CAC HEM B . -2.35 -5.86 6.01
CBC HEM B . -2.09 -7.18 5.94
C1D HEM B . -2.25 -6.97 1.48
C2D HEM B . -2.09 -8.31 0.94
C3D HEM B . -2.29 -8.25 -0.38
C4D HEM B . -2.58 -6.88 -0.74
CMD HEM B . -1.75 -9.58 1.75
CAD HEM B . -2.21 -9.44 -1.37
CBD HEM B . -3.58 -10.09 -1.44
CGD HEM B . -3.55 -11.22 -2.43
O1D HEM B . -2.58 -11.28 -3.23
O2D HEM B . -4.48 -12.07 -2.42
NA HEM B . -3.04 -4.03 -1.54
NB HEM B . -3.22 -2.15 0.61
NC HEM B . -2.71 -4.26 2.58
ND HEM B . -2.55 -6.13 0.42
FE HEM B . -2.93 -4.16 0.53
C1 DIF C . 10.36 -2.47 -1.30
C2 DIF C . 9.37 -3.25 -0.68
CL2 DIF C . 9.06 -2.96 1.00
C3 DIF C . 8.66 -4.21 -1.42
C4 DIF C . 8.97 -4.38 -2.77
CL4 DIF C . 8.14 -5.55 -3.74
C5 DIF C . 9.96 -3.61 -3.39
C6 DIF C . 10.65 -2.65 -2.64
N1 DIF C . 7.66 -5.00 -0.82
C7 DIF C . 6.00 -5.70 0.82
C8 DIF C . 6.55 -4.71 0.01
C9 DIF C . 6.03 -3.42 0.04
C10 DIF C . 4.94 -3.13 0.86
C11 DIF C . 4.38 -4.13 1.66
C12 DIF C . 4.91 -5.41 1.64
C13 DIF C . 6.55 -7.09 0.81
C14 DIF C . 6.17 -7.82 -0.47
O1 DIF C . 6.28 -9.16 -0.33
O2 DIF C . 5.79 -7.27 -1.50
C10 A1L6Q D . 2.95 -3.04 -2.01
C11 A1L6Q D . 7.03 -1.94 -4.52
C7 A1L6Q D . 5.19 -3.29 -3.41
C8 A1L6Q D . 4.39 -4.58 -3.61
C9 A1L6Q D . 6.01 -2.89 -4.62
C12 A1L6Q D . 5.73 -3.50 -5.84
C13 A1L6Q D . 1.97 -2.57 -1.24
C20 A1L6Q D . 0.14 -4.81 0.78
C14 A1L6Q D . 7.76 -1.59 -5.65
C15 A1L6Q D . 6.48 -3.14 -6.97
C16 A1L6Q D . 7.48 -2.19 -6.88
C17 A1L6Q D . 1.36 -4.41 0.29
C19 A1L6Q D . 1.82 -1.14 -1.18
C18 A1L6Q D . -0.26 -3.12 -0.45
N4 A1L6Q D . 1.05 -3.36 -0.48
N5 A1L6Q D . -0.87 -4.00 0.32
N6 A1L6Q D . 1.70 0.01 -1.12
S2 A1L6Q D . 4.00 -1.98 -2.89
S3 A1L6Q D . 3.27 -4.75 -2.18
CL1 A1L6Q D . 7.39 -1.17 -3.01
#